data_1ISG
#
_entry.id   1ISG
#
_cell.length_a   58.573
_cell.length_b   112.851
_cell.length_c   130.527
_cell.angle_alpha   90.00
_cell.angle_beta   90.00
_cell.angle_gamma   90.00
#
_symmetry.space_group_name_H-M   'P 21 21 21'
#
loop_
_entity.id
_entity.type
_entity.pdbx_description
1 polymer 'bone marrow stromal cell antigen 1'
2 branched 2-acetamido-2-deoxy-beta-D-glucopyranose-(1-4)-2-acetamido-2-deoxy-beta-D-glucopyranose
3 non-polymer 'PHOSPHOTHIOPHOSPHORIC ACID-ADENYLATE ESTER'
4 water water
#
_entity_poly.entity_id   1
_entity_poly.type   'polypeptide(L)'
_entity_poly.pdbx_seq_one_letter_code
;RWRAEGTSAHLRDIFLGRCAEYRALLSPEQRNKDCTAIWEAFKVALDKDPCSVLPSDYDLFITLSRHSIPRDKSLFWENS
HLLVNSFADNTRRFMPLSDVLYGRVADFLSWCRQKADSGLDYQSCPTSEDCENNPVDSFWKRASIQYSKDSSGVIHVMLN
GSEPTGAYPIKGFFADYEIPNLQKEKITRIEIWVMHEIGGPNVESCGEGSMKVLEKRLKDMGFQYSCINDYRPVKLLQCV
DHSTHPDCALKSAAAATQRKAPSLY
;
_entity_poly.pdbx_strand_id   A,B
#
# COMPACT_ATOMS: atom_id res chain seq x y z
N TRP A 2 17.06 7.68 25.27
CA TRP A 2 16.00 6.71 24.89
C TRP A 2 16.51 5.69 23.88
N ARG A 3 16.25 4.41 24.15
CA ARG A 3 16.70 3.33 23.28
C ARG A 3 15.66 2.86 22.24
N ALA A 4 15.11 3.81 21.50
CA ALA A 4 14.12 3.52 20.46
C ALA A 4 13.96 4.72 19.53
N GLU A 5 13.46 4.47 18.31
CA GLU A 5 13.27 5.52 17.32
C GLU A 5 12.65 6.80 17.82
N GLY A 6 13.15 7.92 17.27
CA GLY A 6 12.61 9.22 17.64
C GLY A 6 11.31 9.36 16.88
N THR A 7 10.54 10.40 17.20
CA THR A 7 9.26 10.59 16.53
C THR A 7 9.46 10.72 15.02
N SER A 8 8.48 10.23 14.26
CA SER A 8 8.52 10.28 12.82
C SER A 8 8.43 11.72 12.30
N ALA A 9 9.29 12.03 11.34
CA ALA A 9 9.30 13.36 10.75
C ALA A 9 7.95 13.61 10.07
N HIS A 10 7.49 14.85 10.12
CA HIS A 10 6.22 15.22 9.49
C HIS A 10 5.09 14.29 9.94
N LEU A 11 5.09 13.95 11.23
CA LEU A 11 4.08 13.10 11.82
C LEU A 11 2.66 13.57 11.51
N ARG A 12 2.38 14.84 11.77
CA ARG A 12 1.06 15.40 11.54
C ARG A 12 0.56 15.22 10.10
N ASP A 13 1.38 15.59 9.13
CA ASP A 13 0.97 15.44 7.73
C ASP A 13 0.69 14.00 7.37
N ILE A 14 1.61 13.11 7.74
CA ILE A 14 1.41 11.70 7.45
C ILE A 14 0.11 11.22 8.08
N PHE A 15 -0.08 11.55 9.36
CA PHE A 15 -1.26 11.17 10.11
C PHE A 15 -2.52 11.63 9.39
N LEU A 16 -2.64 12.95 9.15
CA LEU A 16 -3.81 13.49 8.49
C LEU A 16 -4.03 12.90 7.10
N GLY A 17 -2.94 12.62 6.41
CA GLY A 17 -3.05 12.04 5.08
C GLY A 17 -3.67 10.67 5.16
N ARG A 18 -3.05 9.80 5.95
CA ARG A 18 -3.55 8.45 6.09
C ARG A 18 -5.02 8.48 6.49
N CYS A 19 -5.34 9.37 7.42
CA CYS A 19 -6.71 9.51 7.88
C CYS A 19 -7.63 9.89 6.72
N ALA A 20 -7.20 10.84 5.90
CA ALA A 20 -7.98 11.29 4.76
C ALA A 20 -8.25 10.15 3.80
N GLU A 21 -7.18 9.54 3.30
CA GLU A 21 -7.34 8.42 2.37
C GLU A 21 -8.19 7.30 2.94
N TYR A 22 -8.00 6.98 4.22
CA TYR A 22 -8.77 5.91 4.80
C TYR A 22 -10.27 6.19 4.79
N ARG A 23 -10.67 7.43 5.01
CA ARG A 23 -12.10 7.76 5.02
C ARG A 23 -12.82 7.21 3.79
N ALA A 24 -12.12 7.21 2.66
CA ALA A 24 -12.69 6.71 1.42
C ALA A 24 -13.07 5.24 1.53
N LEU A 25 -12.31 4.48 2.31
CA LEU A 25 -12.56 3.06 2.47
C LEU A 25 -13.73 2.79 3.40
N LEU A 26 -14.23 3.84 4.05
CA LEU A 26 -15.35 3.71 4.97
C LEU A 26 -16.70 3.74 4.26
N SER A 27 -17.73 3.25 4.95
CA SER A 27 -19.09 3.24 4.44
C SER A 27 -19.65 4.64 4.71
N PRO A 28 -20.40 5.21 3.75
CA PRO A 28 -20.95 6.55 3.96
C PRO A 28 -21.64 6.78 5.31
N GLU A 29 -22.30 5.75 5.83
CA GLU A 29 -22.98 5.85 7.13
C GLU A 29 -22.00 6.02 8.28
N GLN A 30 -20.73 5.70 8.01
CA GLN A 30 -19.67 5.80 9.01
C GLN A 30 -18.54 6.65 8.45
N ARG A 31 -18.78 7.22 7.28
CA ARG A 31 -17.79 8.04 6.57
C ARG A 31 -17.50 9.40 7.21
N ASN A 32 -18.42 9.90 8.04
CA ASN A 32 -18.20 11.19 8.66
C ASN A 32 -17.24 11.12 9.85
N LYS A 33 -15.96 11.31 9.55
CA LYS A 33 -14.91 11.30 10.57
C LYS A 33 -14.13 12.61 10.46
N ASP A 34 -13.83 13.21 11.59
CA ASP A 34 -13.08 14.46 11.59
C ASP A 34 -11.62 14.13 11.83
N CYS A 35 -10.83 14.15 10.77
CA CYS A 35 -9.42 13.84 10.87
C CYS A 35 -8.65 14.85 11.69
N THR A 36 -9.09 16.11 11.67
CA THR A 36 -8.39 17.11 12.46
C THR A 36 -8.64 16.88 13.95
N ALA A 37 -9.90 16.61 14.31
CA ALA A 37 -10.28 16.34 15.69
C ALA A 37 -9.55 15.09 16.19
N ILE A 38 -9.54 14.05 15.35
CA ILE A 38 -8.88 12.80 15.67
C ILE A 38 -7.39 13.03 15.94
N TRP A 39 -6.75 13.86 15.12
CA TRP A 39 -5.34 14.15 15.32
C TRP A 39 -5.20 14.91 16.63
N GLU A 40 -6.12 15.84 16.86
CA GLU A 40 -6.10 16.65 18.05
C GLU A 40 -6.16 15.80 19.33
N ALA A 41 -6.99 14.77 19.32
CA ALA A 41 -7.12 13.88 20.49
C ALA A 41 -5.88 12.99 20.62
N PHE A 42 -5.34 12.57 19.49
CA PHE A 42 -4.15 11.74 19.50
C PHE A 42 -3.01 12.56 20.08
N LYS A 43 -2.95 13.82 19.66
CA LYS A 43 -1.90 14.74 20.07
C LYS A 43 -1.75 14.94 21.58
N VAL A 44 -2.75 14.56 22.36
CA VAL A 44 -2.65 14.73 23.81
C VAL A 44 -1.44 14.02 24.42
N ALA A 45 -1.13 12.82 23.92
CA ALA A 45 0.01 12.07 24.44
C ALA A 45 1.34 12.77 24.17
N LEU A 46 1.39 13.59 23.12
CA LEU A 46 2.61 14.32 22.79
C LEU A 46 2.76 15.57 23.64
N ASP A 47 1.91 15.71 24.65
CA ASP A 47 1.97 16.87 25.52
C ASP A 47 2.29 16.43 26.93
N LYS A 48 2.42 15.12 27.12
CA LYS A 48 2.72 14.57 28.43
C LYS A 48 4.17 14.12 28.52
N ASP A 49 4.57 13.74 29.74
CA ASP A 49 5.92 13.25 29.97
C ASP A 49 6.01 11.97 29.14
N PRO A 50 7.07 11.83 28.33
CA PRO A 50 7.25 10.63 27.48
C PRO A 50 7.25 9.30 28.23
N CYS A 51 7.18 9.36 29.55
CA CYS A 51 7.15 8.14 30.36
C CYS A 51 5.92 8.12 31.24
N SER A 52 4.97 9.00 30.94
CA SER A 52 3.75 9.09 31.73
C SER A 52 2.47 9.05 30.91
N VAL A 53 2.48 8.29 29.82
CA VAL A 53 1.28 8.17 29.00
C VAL A 53 0.62 6.82 29.24
N LEU A 54 -0.66 6.84 29.56
CA LEU A 54 -1.41 5.63 29.83
C LEU A 54 -2.33 5.31 28.64
N PRO A 55 -2.66 4.02 28.46
CA PRO A 55 -3.54 3.59 27.38
C PRO A 55 -4.81 4.42 27.31
N SER A 56 -5.44 4.64 28.46
CA SER A 56 -6.67 5.41 28.53
C SER A 56 -6.55 6.84 28.02
N ASP A 57 -5.33 7.39 28.01
CA ASP A 57 -5.14 8.76 27.52
C ASP A 57 -5.66 8.91 26.10
N TYR A 58 -5.74 7.78 25.37
CA TYR A 58 -6.22 7.81 24.00
C TYR A 58 -7.69 7.47 23.88
N ASP A 59 -8.39 7.33 25.00
CA ASP A 59 -9.81 7.00 24.96
C ASP A 59 -10.61 7.91 24.04
N LEU A 60 -10.34 9.21 24.12
CA LEU A 60 -11.06 10.16 23.28
C LEU A 60 -10.71 9.86 21.83
N PHE A 61 -9.41 9.73 21.57
CA PHE A 61 -8.94 9.43 20.22
C PHE A 61 -9.74 8.25 19.65
N ILE A 62 -9.79 7.15 20.40
CA ILE A 62 -10.53 5.97 19.96
C ILE A 62 -12.00 6.30 19.72
N THR A 63 -12.60 7.03 20.65
CA THR A 63 -14.00 7.40 20.51
C THR A 63 -14.25 8.09 19.17
N LEU A 64 -13.37 9.03 18.81
CA LEU A 64 -13.53 9.77 17.56
C LEU A 64 -13.25 9.00 16.28
N SER A 65 -12.43 7.96 16.35
CA SER A 65 -12.07 7.19 15.17
C SER A 65 -12.63 5.78 15.12
N ARG A 66 -13.22 5.33 16.22
CA ARG A 66 -13.75 3.97 16.25
C ARG A 66 -14.80 3.72 15.18
N HIS A 67 -14.75 2.55 14.56
CA HIS A 67 -15.71 2.13 13.54
C HIS A 67 -15.76 0.61 13.56
N SER A 68 -16.82 0.04 13.01
CA SER A 68 -16.99 -1.41 13.06
C SER A 68 -16.13 -2.21 12.08
N ILE A 69 -15.80 -3.43 12.49
CA ILE A 69 -14.99 -4.34 11.70
C ILE A 69 -15.89 -5.46 11.17
N PRO A 70 -15.86 -5.71 9.85
CA PRO A 70 -16.69 -6.77 9.27
C PRO A 70 -16.48 -8.11 9.97
N ARG A 71 -17.54 -8.91 10.06
CA ARG A 71 -17.48 -10.21 10.69
C ARG A 71 -16.58 -11.08 9.81
N ASP A 72 -15.76 -11.92 10.45
CA ASP A 72 -14.83 -12.82 9.75
C ASP A 72 -13.69 -12.11 9.01
N LYS A 73 -13.45 -10.84 9.33
CA LYS A 73 -12.40 -10.08 8.65
C LYS A 73 -11.21 -9.73 9.54
N SER A 74 -11.30 -10.02 10.82
CA SER A 74 -10.19 -9.72 11.70
C SER A 74 -9.00 -10.65 11.43
N LEU A 75 -7.81 -10.07 11.47
CA LEU A 75 -6.58 -10.79 11.26
C LEU A 75 -5.57 -10.34 12.30
N PHE A 76 -5.36 -11.15 13.33
CA PHE A 76 -4.38 -10.84 14.37
C PHE A 76 -3.05 -11.41 13.91
N TRP A 77 -1.98 -11.02 14.60
CA TRP A 77 -0.67 -11.54 14.21
C TRP A 77 0.43 -11.24 15.20
N GLU A 78 1.57 -11.84 14.93
CA GLU A 78 2.78 -11.64 15.73
C GLU A 78 3.93 -11.95 14.79
N ASN A 79 4.92 -11.05 14.77
CA ASN A 79 6.11 -11.22 13.97
C ASN A 79 5.83 -11.42 12.48
N SER A 80 4.85 -10.71 11.94
CA SER A 80 4.51 -10.84 10.53
C SER A 80 3.92 -9.55 9.99
N HIS A 81 4.33 -8.43 10.54
CA HIS A 81 3.80 -7.13 10.16
C HIS A 81 3.66 -6.89 8.65
N LEU A 82 4.79 -6.86 7.93
CA LEU A 82 4.76 -6.59 6.49
C LEU A 82 3.94 -7.58 5.67
N LEU A 83 4.04 -8.87 6.00
CA LEU A 83 3.31 -9.90 5.28
C LEU A 83 1.80 -9.71 5.51
N VAL A 84 1.43 -9.35 6.74
CA VAL A 84 0.03 -9.12 7.07
C VAL A 84 -0.52 -7.93 6.28
N ASN A 85 0.23 -6.85 6.21
CA ASN A 85 -0.24 -5.69 5.46
C ASN A 85 -0.34 -6.01 3.97
N SER A 86 0.64 -6.73 3.45
CA SER A 86 0.61 -7.07 2.02
C SER A 86 -0.51 -8.01 1.70
N PHE A 87 -0.70 -9.01 2.55
CA PHE A 87 -1.75 -9.97 2.31
C PHE A 87 -3.11 -9.30 2.48
N ALA A 88 -3.27 -8.52 3.54
CA ALA A 88 -4.53 -7.83 3.81
C ALA A 88 -4.88 -6.91 2.65
N ASP A 89 -3.86 -6.47 1.92
CA ASP A 89 -4.05 -5.61 0.76
C ASP A 89 -5.07 -4.48 0.96
N ASN A 90 -4.80 -3.59 1.91
CA ASN A 90 -5.66 -2.44 2.18
C ASN A 90 -7.15 -2.76 2.36
N THR A 91 -7.45 -3.74 3.23
CA THR A 91 -8.80 -4.20 3.55
C THR A 91 -9.52 -5.01 2.47
N ARG A 92 -8.85 -5.24 1.32
CA ARG A 92 -9.46 -6.01 0.24
C ARG A 92 -9.70 -7.46 0.66
N ARG A 93 -8.66 -8.10 1.20
CA ARG A 93 -8.79 -9.48 1.64
C ARG A 93 -9.24 -9.56 3.11
N PHE A 94 -8.47 -8.94 4.00
CA PHE A 94 -8.82 -8.93 5.43
C PHE A 94 -8.64 -7.55 6.01
N MET A 95 -9.05 -7.39 7.26
CA MET A 95 -8.92 -6.10 7.90
C MET A 95 -8.16 -6.18 9.22
N PRO A 96 -6.82 -6.19 9.15
CA PRO A 96 -6.06 -6.25 10.41
C PRO A 96 -6.11 -4.87 11.07
N LEU A 97 -5.63 -4.78 12.30
CA LEU A 97 -5.61 -3.52 13.03
C LEU A 97 -4.98 -2.37 12.24
N SER A 98 -4.02 -2.66 11.38
CA SER A 98 -3.39 -1.60 10.62
C SER A 98 -4.27 -1.11 9.48
N ASP A 99 -5.36 -1.82 9.23
CA ASP A 99 -6.30 -1.42 8.17
C ASP A 99 -7.64 -1.02 8.75
N VAL A 100 -7.60 -0.55 9.99
CA VAL A 100 -8.77 -0.06 10.72
C VAL A 100 -8.34 1.37 10.97
N LEU A 101 -9.26 2.33 10.82
CA LEU A 101 -8.89 3.74 10.97
C LEU A 101 -7.90 4.10 12.06
N TYR A 102 -8.17 3.69 13.31
CA TYR A 102 -7.25 4.05 14.38
C TYR A 102 -5.90 3.37 14.37
N GLY A 103 -5.78 2.30 13.58
CA GLY A 103 -4.51 1.62 13.48
C GLY A 103 -3.77 2.15 12.27
N ARG A 104 -4.51 2.47 11.23
CA ARG A 104 -3.95 2.99 9.99
C ARG A 104 -3.11 4.25 10.16
N VAL A 105 -3.65 5.22 10.89
CA VAL A 105 -2.96 6.49 11.08
C VAL A 105 -1.63 6.45 11.82
N ALA A 106 -1.35 5.37 12.53
CA ALA A 106 -0.10 5.32 13.28
C ALA A 106 0.81 4.14 12.95
N ASP A 107 0.36 3.30 12.02
CA ASP A 107 1.13 2.12 11.62
C ASP A 107 2.56 2.46 11.20
N PHE A 108 3.53 1.85 11.88
CA PHE A 108 4.96 2.06 11.60
C PHE A 108 5.55 3.40 12.05
N LEU A 109 4.72 4.27 12.61
CA LEU A 109 5.21 5.56 13.05
C LEU A 109 5.70 5.51 14.50
N SER A 110 6.35 6.58 14.93
CA SER A 110 6.84 6.69 16.31
C SER A 110 6.56 8.11 16.77
N TRP A 111 6.46 8.31 18.07
CA TRP A 111 6.18 9.62 18.59
C TRP A 111 6.44 9.67 20.09
N CYS A 112 6.75 10.85 20.59
CA CYS A 112 6.99 11.07 22.01
C CYS A 112 7.52 12.47 22.21
N ARG A 113 7.11 13.11 23.30
CA ARG A 113 7.57 14.46 23.60
C ARG A 113 8.94 14.34 24.26
N GLN A 114 9.69 15.43 24.28
CA GLN A 114 11.01 15.44 24.90
C GLN A 114 10.83 15.37 26.41
N LYS A 115 11.80 14.76 27.09
CA LYS A 115 11.75 14.62 28.55
C LYS A 115 11.32 15.89 29.29
N ALA A 116 12.16 16.92 29.21
CA ALA A 116 11.87 18.18 29.87
C ALA A 116 11.74 19.35 28.90
N ASP A 117 10.77 19.23 28.00
CA ASP A 117 10.52 20.29 27.01
C ASP A 117 9.23 19.99 26.24
N SER A 118 8.57 21.04 25.77
CA SER A 118 7.31 20.87 25.05
C SER A 118 7.50 20.27 23.67
N GLY A 119 8.67 20.45 23.09
CA GLY A 119 8.95 19.92 21.77
C GLY A 119 9.00 18.41 21.67
N LEU A 120 8.82 17.90 20.45
CA LEU A 120 8.85 16.47 20.19
C LEU A 120 10.29 16.03 20.04
N ASP A 121 10.60 14.85 20.57
CA ASP A 121 11.95 14.31 20.50
C ASP A 121 12.13 13.54 19.20
N TYR A 122 12.98 14.04 18.30
CA TYR A 122 13.22 13.35 17.03
C TYR A 122 14.49 12.52 17.11
N GLN A 123 15.10 12.52 18.28
CA GLN A 123 16.34 11.78 18.52
C GLN A 123 16.04 10.33 18.87
N SER A 124 15.19 10.13 19.87
CA SER A 124 14.83 8.79 20.29
C SER A 124 13.59 8.84 21.18
N CYS A 125 12.96 7.68 21.37
CA CYS A 125 11.77 7.58 22.21
C CYS A 125 11.89 6.37 23.13
N PRO A 126 11.36 6.49 24.35
CA PRO A 126 11.43 5.40 25.34
C PRO A 126 10.88 4.06 24.88
N THR A 127 11.61 3.01 25.20
CA THR A 127 11.21 1.64 24.87
C THR A 127 10.54 1.13 26.13
N SER A 128 9.96 -0.06 26.08
CA SER A 128 9.30 -0.60 27.25
C SER A 128 10.29 -0.73 28.41
N GLU A 129 11.54 -0.99 28.08
CA GLU A 129 12.58 -1.14 29.08
C GLU A 129 12.87 0.19 29.77
N ASP A 130 13.02 1.25 29.00
CA ASP A 130 13.28 2.57 29.57
C ASP A 130 12.21 2.88 30.61
N CYS A 131 10.95 2.72 30.21
CA CYS A 131 9.82 2.94 31.10
C CYS A 131 8.60 2.29 30.46
N GLU A 132 7.72 1.72 31.29
CA GLU A 132 6.54 1.04 30.80
C GLU A 132 5.52 1.91 30.07
N ASN A 133 5.10 3.00 30.72
CA ASN A 133 4.09 3.88 30.15
C ASN A 133 4.53 4.91 29.12
N ASN A 134 5.10 4.46 28.02
CA ASN A 134 5.51 5.37 26.94
C ASN A 134 4.37 5.53 25.93
N PRO A 135 4.39 6.63 25.15
CA PRO A 135 3.36 6.91 24.15
C PRO A 135 3.01 5.79 23.17
N VAL A 136 4.01 5.30 22.45
CA VAL A 136 3.77 4.24 21.46
C VAL A 136 3.22 2.93 22.00
N ASP A 137 3.76 2.45 23.11
CA ASP A 137 3.24 1.21 23.66
C ASP A 137 1.81 1.40 24.17
N SER A 138 1.59 2.44 24.97
CA SER A 138 0.26 2.71 25.49
C SER A 138 -0.74 2.86 24.35
N PHE A 139 -0.28 3.43 23.25
CA PHE A 139 -1.16 3.61 22.10
C PHE A 139 -1.61 2.26 21.59
N TRP A 140 -0.65 1.38 21.32
CA TRP A 140 -0.97 0.07 20.78
C TRP A 140 -1.72 -0.86 21.73
N LYS A 141 -1.50 -0.70 23.04
CA LYS A 141 -2.22 -1.51 24.01
C LYS A 141 -3.69 -1.13 23.88
N ARG A 142 -3.93 0.18 23.91
CA ARG A 142 -5.27 0.74 23.81
C ARG A 142 -5.95 0.37 22.51
N ALA A 143 -5.21 0.48 21.41
CA ALA A 143 -5.78 0.16 20.10
C ALA A 143 -6.02 -1.33 19.92
N SER A 144 -5.14 -2.16 20.50
CA SER A 144 -5.28 -3.61 20.39
C SER A 144 -6.54 -4.09 21.12
N ILE A 145 -6.77 -3.51 22.29
CA ILE A 145 -7.93 -3.86 23.10
C ILE A 145 -9.22 -3.60 22.31
N GLN A 146 -9.33 -2.40 21.75
CA GLN A 146 -10.51 -2.03 20.99
C GLN A 146 -10.71 -2.98 19.84
N TYR A 147 -9.64 -3.23 19.09
CA TYR A 147 -9.68 -4.13 17.94
C TYR A 147 -10.18 -5.53 18.33
N SER A 148 -9.71 -6.02 19.48
CA SER A 148 -10.12 -7.33 19.96
C SER A 148 -11.61 -7.30 20.32
N LYS A 149 -12.01 -6.30 21.08
CA LYS A 149 -13.40 -6.19 21.51
C LYS A 149 -14.37 -6.10 20.37
N ASP A 150 -14.02 -5.40 19.30
CA ASP A 150 -14.92 -5.25 18.16
C ASP A 150 -14.87 -6.36 17.11
N SER A 151 -13.99 -7.33 17.30
CA SER A 151 -13.86 -8.44 16.34
C SER A 151 -14.92 -9.51 16.57
N SER A 152 -15.41 -10.10 15.48
CA SER A 152 -16.46 -11.11 15.53
C SER A 152 -16.37 -12.15 14.42
N GLY A 153 -16.98 -13.32 14.65
CA GLY A 153 -16.97 -14.37 13.65
C GLY A 153 -15.71 -15.22 13.66
N VAL A 154 -15.23 -15.57 12.48
CA VAL A 154 -14.02 -16.36 12.36
C VAL A 154 -12.82 -15.45 12.57
N ILE A 155 -12.08 -15.72 13.65
CA ILE A 155 -10.90 -14.95 14.01
C ILE A 155 -9.68 -15.57 13.35
N HIS A 156 -8.92 -14.78 12.60
CA HIS A 156 -7.71 -15.30 11.96
C HIS A 156 -6.48 -14.73 12.67
N VAL A 157 -5.39 -15.50 12.68
CA VAL A 157 -4.16 -15.09 13.33
C VAL A 157 -2.98 -15.60 12.53
N MET A 158 -2.07 -14.70 12.18
CA MET A 158 -0.90 -15.13 11.43
C MET A 158 0.37 -15.09 12.29
N LEU A 159 1.00 -16.23 12.48
CA LEU A 159 2.20 -16.30 13.29
C LEU A 159 3.39 -16.70 12.46
N ASN A 160 4.59 -16.42 12.98
CA ASN A 160 5.83 -16.71 12.28
C ASN A 160 6.53 -17.97 12.80
N GLY A 161 6.47 -19.03 12.00
CA GLY A 161 7.11 -20.29 12.35
C GLY A 161 8.60 -20.29 12.08
N SER A 162 9.17 -19.15 11.72
CA SER A 162 10.60 -19.05 11.46
C SER A 162 11.28 -18.17 12.51
N GLU A 163 10.47 -17.67 13.44
CA GLU A 163 10.94 -16.83 14.53
C GLU A 163 11.70 -17.70 15.57
N PRO A 164 12.96 -17.36 15.83
CA PRO A 164 13.83 -18.08 16.77
C PRO A 164 13.27 -18.26 18.19
N THR A 165 12.35 -17.40 18.58
CA THR A 165 11.79 -17.51 19.92
C THR A 165 10.46 -18.26 19.95
N GLY A 166 10.11 -18.87 18.81
CA GLY A 166 8.86 -19.61 18.73
C GLY A 166 7.79 -18.77 18.04
N ALA A 167 6.72 -19.41 17.61
CA ALA A 167 5.67 -18.69 16.91
C ALA A 167 4.75 -17.87 17.82
N TYR A 168 4.68 -18.20 19.11
CA TYR A 168 3.79 -17.51 20.03
C TYR A 168 4.49 -16.93 21.25
N PRO A 169 4.64 -15.61 21.33
CA PRO A 169 5.30 -14.99 22.48
C PRO A 169 4.31 -14.90 23.66
N ILE A 170 4.62 -15.54 24.79
CA ILE A 170 3.69 -15.48 25.91
C ILE A 170 3.47 -14.09 26.49
N LYS A 171 4.37 -13.17 26.18
CA LYS A 171 4.22 -11.81 26.69
C LYS A 171 3.99 -10.78 25.59
N GLY A 172 3.43 -11.21 24.46
CA GLY A 172 3.18 -10.27 23.38
C GLY A 172 1.82 -9.57 23.47
N PHE A 173 1.56 -8.65 22.56
CA PHE A 173 0.29 -7.94 22.54
C PHE A 173 -0.88 -8.89 22.31
N PHE A 174 -0.69 -9.89 21.47
CA PHE A 174 -1.75 -10.85 21.20
C PHE A 174 -2.10 -11.62 22.46
N ALA A 175 -1.09 -12.04 23.20
CA ALA A 175 -1.30 -12.79 24.42
C ALA A 175 -1.78 -11.95 25.60
N ASP A 176 -1.24 -10.75 25.75
CA ASP A 176 -1.62 -9.92 26.88
C ASP A 176 -2.78 -8.96 26.68
N TYR A 177 -2.99 -8.46 25.48
CA TYR A 177 -4.07 -7.49 25.27
C TYR A 177 -5.16 -7.84 24.28
N GLU A 178 -5.04 -8.95 23.58
CA GLU A 178 -6.05 -9.28 22.61
C GLU A 178 -6.81 -10.55 22.95
N ILE A 179 -6.10 -11.61 23.28
CA ILE A 179 -6.78 -12.85 23.62
C ILE A 179 -7.78 -12.61 24.74
N PRO A 180 -7.39 -11.85 25.79
CA PRO A 180 -8.25 -11.55 26.93
C PRO A 180 -9.46 -10.70 26.57
N ASN A 181 -9.32 -9.87 25.55
CA ASN A 181 -10.41 -8.98 25.16
C ASN A 181 -11.29 -9.49 24.04
N LEU A 182 -11.17 -10.76 23.71
CA LEU A 182 -12.00 -11.32 22.67
C LEU A 182 -13.37 -11.65 23.29
N GLN A 183 -14.44 -11.16 22.66
CA GLN A 183 -15.79 -11.45 23.14
C GLN A 183 -16.13 -12.86 22.63
N LYS A 184 -15.92 -13.86 23.49
CA LYS A 184 -16.17 -15.25 23.12
C LYS A 184 -17.59 -15.46 22.58
N GLU A 185 -18.52 -14.68 23.12
CA GLU A 185 -19.93 -14.77 22.72
C GLU A 185 -20.18 -14.48 21.24
N LYS A 186 -19.34 -13.69 20.60
CA LYS A 186 -19.55 -13.39 19.18
C LYS A 186 -18.46 -13.93 18.26
N ILE A 187 -17.73 -14.91 18.78
CA ILE A 187 -16.65 -15.53 18.02
C ILE A 187 -17.01 -16.98 17.71
N THR A 188 -17.04 -17.33 16.42
CA THR A 188 -17.38 -18.69 16.03
C THR A 188 -16.22 -19.66 16.25
N ARG A 189 -15.03 -19.28 15.79
CA ARG A 189 -13.83 -20.12 15.95
C ARG A 189 -12.56 -19.31 15.68
N ILE A 190 -11.43 -19.82 16.16
CA ILE A 190 -10.15 -19.14 15.94
C ILE A 190 -9.28 -20.03 15.06
N GLU A 191 -8.73 -19.45 13.99
CA GLU A 191 -7.90 -20.19 13.04
C GLU A 191 -6.53 -19.56 12.91
N ILE A 192 -5.51 -20.31 13.32
CA ILE A 192 -4.12 -19.86 13.27
C ILE A 192 -3.44 -20.24 11.95
N TRP A 193 -2.60 -19.36 11.42
CA TRP A 193 -1.83 -19.69 10.21
C TRP A 193 -0.39 -19.55 10.63
N VAL A 194 0.36 -20.65 10.67
CA VAL A 194 1.77 -20.60 11.04
C VAL A 194 2.59 -20.58 9.75
N MET A 195 3.14 -19.42 9.44
CA MET A 195 3.91 -19.27 8.20
C MET A 195 5.42 -19.44 8.37
N HIS A 196 6.07 -20.00 7.35
CA HIS A 196 7.51 -20.20 7.37
C HIS A 196 8.13 -19.53 6.15
N GLU A 197 9.34 -19.02 6.32
CA GLU A 197 10.05 -18.38 5.23
C GLU A 197 10.32 -19.41 4.12
N ILE A 198 10.34 -18.96 2.87
CA ILE A 198 10.61 -19.84 1.73
C ILE A 198 11.99 -20.45 1.95
N GLY A 199 12.05 -21.78 2.04
CA GLY A 199 13.32 -22.43 2.30
C GLY A 199 13.79 -22.06 3.71
N GLY A 200 13.20 -21.00 4.26
CA GLY A 200 13.54 -20.51 5.59
C GLY A 200 13.42 -21.60 6.62
N PRO A 201 13.92 -21.36 7.84
CA PRO A 201 13.90 -22.32 8.96
C PRO A 201 12.54 -22.60 9.56
N ASN A 202 12.29 -23.88 9.83
CA ASN A 202 11.04 -24.33 10.41
C ASN A 202 11.28 -24.50 11.91
N VAL A 203 11.34 -23.39 12.63
CA VAL A 203 11.57 -23.43 14.07
C VAL A 203 10.39 -24.10 14.78
N GLU A 204 9.18 -23.73 14.39
CA GLU A 204 7.99 -24.32 14.98
C GLU A 204 6.88 -24.43 13.96
N SER A 205 6.09 -25.49 14.10
CA SER A 205 4.95 -25.72 13.23
C SER A 205 3.76 -25.94 14.15
N CYS A 206 2.58 -26.08 13.57
CA CYS A 206 1.39 -26.28 14.38
C CYS A 206 1.63 -27.39 15.40
N GLY A 207 1.15 -27.18 16.61
CA GLY A 207 1.29 -28.17 17.66
C GLY A 207 2.65 -28.36 18.30
N GLU A 208 3.62 -27.51 17.99
CA GLU A 208 4.95 -27.66 18.57
C GLU A 208 5.36 -26.47 19.42
N GLY A 209 6.12 -26.71 20.48
CA GLY A 209 6.58 -25.65 21.34
C GLY A 209 5.51 -24.66 21.78
N SER A 210 5.81 -23.37 21.63
CA SER A 210 4.89 -22.32 22.04
C SER A 210 3.49 -22.48 21.44
N MET A 211 3.39 -23.10 20.27
CA MET A 211 2.08 -23.31 19.65
C MET A 211 1.19 -24.23 20.50
N LYS A 212 1.81 -25.04 21.36
CA LYS A 212 1.05 -25.91 22.23
C LYS A 212 0.51 -25.06 23.37
N VAL A 213 1.32 -24.11 23.81
CA VAL A 213 0.92 -23.22 24.88
C VAL A 213 -0.27 -22.39 24.43
N LEU A 214 -0.18 -21.83 23.22
CA LEU A 214 -1.26 -21.01 22.66
C LEU A 214 -2.52 -21.82 22.53
N GLU A 215 -2.42 -22.92 21.81
CA GLU A 215 -3.56 -23.79 21.58
C GLU A 215 -4.24 -24.22 22.88
N LYS A 216 -3.45 -24.53 23.89
CA LYS A 216 -4.03 -24.94 25.15
C LYS A 216 -4.88 -23.81 25.72
N ARG A 217 -4.29 -22.63 25.85
CA ARG A 217 -4.99 -21.46 26.38
C ARG A 217 -6.31 -21.25 25.65
N LEU A 218 -6.27 -21.27 24.33
CA LEU A 218 -7.48 -21.04 23.55
C LEU A 218 -8.55 -22.10 23.83
N LYS A 219 -8.17 -23.37 23.81
CA LYS A 219 -9.15 -24.42 24.08
C LYS A 219 -9.63 -24.32 25.53
N ASP A 220 -8.72 -24.03 26.44
CA ASP A 220 -9.09 -23.89 27.85
C ASP A 220 -10.15 -22.81 28.00
N MET A 221 -9.99 -21.72 27.26
CA MET A 221 -10.93 -20.61 27.32
C MET A 221 -12.25 -20.98 26.64
N GLY A 222 -12.27 -22.17 26.05
CA GLY A 222 -13.46 -22.64 25.37
C GLY A 222 -13.68 -22.05 23.98
N PHE A 223 -12.67 -22.13 23.11
CA PHE A 223 -12.76 -21.60 21.74
C PHE A 223 -12.64 -22.74 20.75
N GLN A 224 -13.45 -22.74 19.69
CA GLN A 224 -13.27 -23.79 18.70
C GLN A 224 -11.93 -23.34 18.10
N TYR A 225 -11.01 -24.27 17.90
CA TYR A 225 -9.67 -23.93 17.41
C TYR A 225 -9.17 -24.77 16.23
N SER A 226 -8.32 -24.17 15.39
CA SER A 226 -7.72 -24.86 14.25
C SER A 226 -6.37 -24.22 13.88
N CYS A 227 -5.50 -24.99 13.24
CA CYS A 227 -4.17 -24.49 12.88
C CYS A 227 -3.72 -25.00 11.52
N ILE A 228 -3.22 -24.09 10.70
CA ILE A 228 -2.76 -24.44 9.35
C ILE A 228 -1.34 -23.99 9.10
N ASN A 229 -0.45 -24.91 8.74
CA ASN A 229 0.93 -24.54 8.45
C ASN A 229 0.96 -24.00 7.03
N ASP A 230 1.64 -22.87 6.86
CA ASP A 230 1.78 -22.25 5.55
C ASP A 230 0.49 -22.17 4.74
N TYR A 231 -0.47 -21.44 5.29
CA TYR A 231 -1.77 -21.22 4.64
C TYR A 231 -1.46 -20.81 3.21
N ARG A 232 -2.01 -21.56 2.27
CA ARG A 232 -1.77 -21.35 0.85
C ARG A 232 -1.79 -19.95 0.25
N PRO A 233 -2.91 -19.23 0.35
CA PRO A 233 -2.93 -17.89 -0.23
C PRO A 233 -1.70 -17.07 0.19
N VAL A 234 -1.38 -17.10 1.48
CA VAL A 234 -0.23 -16.37 2.00
C VAL A 234 1.08 -16.96 1.49
N LYS A 235 1.14 -18.28 1.39
CA LYS A 235 2.37 -18.92 0.88
C LYS A 235 2.58 -18.42 -0.55
N LEU A 236 1.49 -18.36 -1.32
CA LEU A 236 1.56 -17.89 -2.69
C LEU A 236 2.11 -16.47 -2.75
N LEU A 237 1.75 -15.64 -1.77
CA LEU A 237 2.22 -14.27 -1.72
C LEU A 237 3.71 -14.21 -1.37
N GLN A 238 4.15 -15.06 -0.45
CA GLN A 238 5.56 -15.09 -0.07
C GLN A 238 6.37 -15.50 -1.30
N CYS A 239 5.79 -16.43 -2.06
CA CYS A 239 6.42 -16.95 -3.25
C CYS A 239 6.68 -15.95 -4.36
N VAL A 240 5.93 -14.84 -4.36
CA VAL A 240 6.09 -13.82 -5.41
C VAL A 240 7.54 -13.41 -5.54
N ASP A 241 8.27 -13.42 -4.42
CA ASP A 241 9.67 -13.04 -4.40
C ASP A 241 10.66 -14.19 -4.48
N HIS A 242 10.16 -15.39 -4.71
CA HIS A 242 11.02 -16.57 -4.79
C HIS A 242 10.43 -17.51 -5.84
N SER A 243 10.09 -16.94 -6.99
CA SER A 243 9.47 -17.70 -8.07
C SER A 243 10.22 -18.95 -8.53
N THR A 244 11.55 -18.93 -8.48
CA THR A 244 12.33 -20.08 -8.93
C THR A 244 12.59 -21.16 -7.90
N HIS A 245 12.33 -20.84 -6.63
CA HIS A 245 12.54 -21.79 -5.55
C HIS A 245 11.54 -22.95 -5.63
N PRO A 246 12.03 -24.20 -5.46
CA PRO A 246 11.16 -25.38 -5.51
C PRO A 246 9.87 -25.35 -4.71
N ASP A 247 9.87 -24.69 -3.55
CA ASP A 247 8.64 -24.63 -2.75
C ASP A 247 7.57 -23.82 -3.48
N CYS A 248 8.02 -23.02 -4.44
CA CYS A 248 7.11 -22.16 -5.18
C CYS A 248 6.78 -22.63 -6.58
N ALA A 249 7.42 -23.70 -7.04
CA ALA A 249 7.17 -24.23 -8.37
C ALA A 249 5.71 -24.62 -8.52
N LEU A 250 5.13 -24.27 -9.67
CA LEU A 250 3.72 -24.58 -9.96
C LEU A 250 3.59 -25.81 -10.87
N LYS A 251 2.43 -26.45 -10.83
CA LYS A 251 2.20 -27.60 -11.69
C LYS A 251 1.94 -27.11 -13.12
N TRP B 2 -19.43 17.69 -18.02
CA TRP B 2 -18.31 16.91 -17.41
C TRP B 2 -18.83 15.52 -17.04
N ARG B 3 -18.22 14.49 -17.63
CA ARG B 3 -18.61 13.11 -17.37
C ARG B 3 -17.62 12.31 -16.53
N ALA B 4 -16.55 12.95 -16.09
CA ALA B 4 -15.54 12.27 -15.26
C ALA B 4 -15.74 12.61 -13.79
N GLU B 5 -15.25 11.73 -12.93
CA GLU B 5 -15.37 11.92 -11.49
C GLU B 5 -14.94 13.32 -11.05
N GLY B 6 -15.59 13.85 -10.02
CA GLY B 6 -15.27 15.16 -9.51
C GLY B 6 -13.94 15.08 -8.79
N THR B 7 -13.42 16.19 -8.29
CA THR B 7 -12.13 16.13 -7.61
C THR B 7 -12.22 15.41 -6.28
N SER B 8 -11.19 14.64 -5.97
CA SER B 8 -11.12 13.87 -4.75
C SER B 8 -11.24 14.75 -3.51
N ALA B 9 -12.05 14.32 -2.57
CA ALA B 9 -12.25 15.04 -1.32
C ALA B 9 -10.96 15.06 -0.51
N HIS B 10 -10.65 16.23 0.06
CA HIS B 10 -9.44 16.39 0.87
C HIS B 10 -8.17 16.20 0.06
N LEU B 11 -8.24 16.57 -1.21
CA LEU B 11 -7.13 16.48 -2.13
C LEU B 11 -5.82 16.98 -1.56
N ARG B 12 -5.85 18.10 -0.84
CA ARG B 12 -4.62 18.65 -0.29
C ARG B 12 -4.03 17.77 0.81
N ASP B 13 -4.86 17.36 1.75
CA ASP B 13 -4.40 16.50 2.85
C ASP B 13 -3.82 15.19 2.33
N ILE B 14 -4.48 14.60 1.34
CA ILE B 14 -4.01 13.35 0.76
C ILE B 14 -2.66 13.57 0.07
N PHE B 15 -2.63 14.57 -0.79
CA PHE B 15 -1.43 14.94 -1.54
C PHE B 15 -0.26 15.16 -0.58
N LEU B 16 -0.44 16.03 0.41
CA LEU B 16 0.63 16.31 1.36
C LEU B 16 1.06 15.07 2.13
N GLY B 17 0.11 14.22 2.50
CA GLY B 17 0.44 13.03 3.25
C GLY B 17 1.25 12.06 2.42
N ARG B 18 0.77 11.79 1.21
CA ARG B 18 1.48 10.88 0.32
C ARG B 18 2.89 11.41 0.09
N CYS B 19 2.99 12.72 -0.18
CA CYS B 19 4.29 13.34 -0.42
C CYS B 19 5.19 13.14 0.78
N ALA B 20 4.66 13.44 1.97
CA ALA B 20 5.40 13.30 3.20
C ALA B 20 5.90 11.88 3.38
N GLU B 21 5.01 10.91 3.21
CA GLU B 21 5.41 9.51 3.38
C GLU B 21 6.48 9.11 2.40
N TYR B 22 6.30 9.49 1.13
CA TYR B 22 7.26 9.14 0.11
C TYR B 22 8.66 9.62 0.41
N ARG B 23 8.78 10.79 1.03
CA ARG B 23 10.11 11.32 1.34
C ARG B 23 11.04 10.29 1.95
N ALA B 24 10.50 9.46 2.85
CA ALA B 24 11.29 8.42 3.50
C ALA B 24 11.86 7.43 2.48
N LEU B 25 11.08 7.13 1.45
CA LEU B 25 11.51 6.20 0.41
C LEU B 25 12.50 6.80 -0.56
N LEU B 26 12.96 8.02 -0.28
CA LEU B 26 13.91 8.70 -1.16
C LEU B 26 15.34 8.64 -0.62
N SER B 27 16.30 8.56 -1.55
CA SER B 27 17.72 8.52 -1.19
C SER B 27 18.09 9.78 -0.43
N PRO B 28 18.88 9.64 0.65
CA PRO B 28 19.32 10.78 1.47
C PRO B 28 19.74 12.01 0.67
N GLU B 29 20.30 11.78 -0.53
CA GLU B 29 20.73 12.89 -1.38
C GLU B 29 19.55 13.64 -1.99
N GLN B 30 18.54 12.90 -2.44
CA GLN B 30 17.35 13.51 -3.06
C GLN B 30 16.15 13.54 -2.12
N ARG B 31 16.42 13.56 -0.82
CA ARG B 31 15.36 13.59 0.18
C ARG B 31 14.85 15.01 0.41
N ASN B 32 15.63 15.99 -0.08
CA ASN B 32 15.29 17.41 0.04
C ASN B 32 14.12 17.77 -0.85
N LYS B 33 12.90 17.52 -0.37
CA LYS B 33 11.70 17.82 -1.13
C LYS B 33 10.73 18.61 -0.30
N ASP B 34 10.28 19.73 -0.83
CA ASP B 34 9.35 20.58 -0.11
C ASP B 34 7.94 20.27 -0.59
N CYS B 35 7.23 19.45 0.18
CA CYS B 35 5.88 19.05 -0.17
C CYS B 35 4.90 20.19 -0.38
N THR B 36 4.92 21.18 0.52
CA THR B 36 4.03 22.33 0.39
C THR B 36 4.32 23.06 -0.92
N ALA B 37 5.60 23.23 -1.20
CA ALA B 37 6.04 23.90 -2.41
C ALA B 37 5.52 23.11 -3.60
N ILE B 38 5.76 21.81 -3.57
CA ILE B 38 5.32 20.93 -4.63
C ILE B 38 3.81 21.04 -4.83
N TRP B 39 3.07 21.09 -3.73
CA TRP B 39 1.62 21.20 -3.81
C TRP B 39 1.23 22.54 -4.42
N GLU B 40 1.95 23.59 -4.05
CA GLU B 40 1.68 24.93 -4.55
C GLU B 40 1.91 24.99 -6.07
N ALA B 41 2.96 24.33 -6.55
CA ALA B 41 3.27 24.29 -7.98
C ALA B 41 2.18 23.51 -8.74
N PHE B 42 1.70 22.46 -8.09
CA PHE B 42 0.66 21.63 -8.65
C PHE B 42 -0.61 22.47 -8.74
N LYS B 43 -0.84 23.30 -7.74
CA LYS B 43 -2.03 24.14 -7.70
C LYS B 43 -2.08 25.18 -8.82
N VAL B 44 -0.93 25.50 -9.41
CA VAL B 44 -0.85 26.47 -10.49
C VAL B 44 -1.62 25.99 -11.71
N ALA B 45 -1.57 24.70 -11.95
CA ALA B 45 -2.28 24.12 -13.08
C ALA B 45 -3.73 23.86 -12.62
N LEU B 46 -3.91 23.76 -11.31
CA LEU B 46 -5.22 23.51 -10.75
C LEU B 46 -6.16 24.68 -10.89
N ASP B 47 -5.65 25.90 -10.70
CA ASP B 47 -6.50 27.07 -10.77
C ASP B 47 -6.83 27.66 -12.14
N LYS B 48 -6.46 26.97 -13.22
CA LYS B 48 -6.75 27.46 -14.56
C LYS B 48 -8.12 26.91 -15.00
N ASP B 49 -8.56 27.29 -16.20
CA ASP B 49 -9.85 26.82 -16.71
C ASP B 49 -9.78 25.29 -16.88
N PRO B 50 -10.77 24.56 -16.33
CA PRO B 50 -10.80 23.10 -16.42
C PRO B 50 -10.57 22.49 -17.81
N CYS B 51 -10.57 23.31 -18.85
CA CYS B 51 -10.32 22.81 -20.20
C CYS B 51 -9.20 23.57 -20.87
N SER B 52 -8.40 24.28 -20.08
CA SER B 52 -7.29 25.06 -20.61
C SER B 52 -5.97 24.67 -19.98
N VAL B 53 -5.92 23.48 -19.39
CA VAL B 53 -4.71 22.99 -18.75
C VAL B 53 -3.90 22.15 -19.72
N LEU B 54 -2.63 22.51 -19.88
CA LEU B 54 -1.73 21.81 -20.78
C LEU B 54 -0.65 21.06 -20.01
N PRO B 55 -0.09 20.01 -20.62
CA PRO B 55 0.97 19.28 -19.91
C PRO B 55 2.05 20.23 -19.43
N SER B 56 2.38 21.22 -20.25
CA SER B 56 3.41 22.18 -19.89
C SER B 56 3.12 22.91 -18.58
N ASP B 57 1.84 23.04 -18.25
CA ASP B 57 1.45 23.73 -17.02
C ASP B 57 1.93 23.03 -15.75
N TYR B 58 2.38 21.78 -15.86
CA TYR B 58 2.87 21.07 -14.69
C TYR B 58 4.39 21.01 -14.66
N ASP B 59 5.06 21.78 -15.51
CA ASP B 59 6.51 21.77 -15.54
C ASP B 59 7.17 22.12 -14.20
N LEU B 60 6.64 23.13 -13.52
CA LEU B 60 7.18 23.53 -12.22
C LEU B 60 7.06 22.35 -11.25
N PHE B 61 5.83 21.83 -11.13
CA PHE B 61 5.55 20.71 -10.28
C PHE B 61 6.57 19.59 -10.53
N ILE B 62 6.71 19.19 -11.80
CA ILE B 62 7.67 18.15 -12.14
C ILE B 62 9.06 18.56 -11.69
N THR B 63 9.47 19.77 -12.04
CA THR B 63 10.78 20.25 -11.67
C THR B 63 11.04 20.09 -10.18
N LEU B 64 10.06 20.49 -9.36
CA LEU B 64 10.20 20.40 -7.91
C LEU B 64 10.09 19.01 -7.31
N SER B 65 9.56 18.05 -8.06
CA SER B 65 9.41 16.71 -7.50
C SER B 65 10.19 15.65 -8.23
N ARG B 66 10.85 16.02 -9.32
CA ARG B 66 11.62 15.04 -10.09
C ARG B 66 12.73 14.43 -9.26
N HIS B 67 12.99 13.15 -9.50
CA HIS B 67 14.06 12.42 -8.84
C HIS B 67 14.41 11.23 -9.73
N SER B 68 15.62 10.70 -9.60
CA SER B 68 16.02 9.60 -10.46
C SER B 68 15.28 8.29 -10.22
N ILE B 69 15.31 7.44 -11.24
CA ILE B 69 14.67 6.13 -11.22
C ILE B 69 15.79 5.08 -11.38
N PRO B 70 15.92 4.16 -10.42
CA PRO B 70 16.96 3.13 -10.51
C PRO B 70 16.97 2.44 -11.86
N ARG B 71 18.18 2.25 -12.39
CA ARG B 71 18.34 1.58 -13.67
C ARG B 71 17.73 0.19 -13.56
N ASP B 72 17.08 -0.25 -14.63
CA ASP B 72 16.44 -1.57 -14.66
C ASP B 72 15.22 -1.73 -13.76
N LYS B 73 14.78 -0.67 -13.09
CA LYS B 73 13.63 -0.81 -12.22
C LYS B 73 12.34 -0.15 -12.71
N SER B 74 12.34 0.34 -13.95
CA SER B 74 11.14 0.96 -14.52
C SER B 74 10.14 -0.12 -14.92
N LEU B 75 8.85 0.19 -14.73
CA LEU B 75 7.78 -0.74 -15.06
C LEU B 75 6.59 -0.01 -15.68
N PHE B 76 6.50 -0.05 -17.01
CA PHE B 76 5.40 0.58 -17.71
C PHE B 76 4.24 -0.39 -17.73
N TRP B 77 3.05 0.07 -18.14
CA TRP B 77 1.90 -0.82 -18.19
C TRP B 77 0.66 -0.23 -18.86
N GLU B 78 -0.34 -1.09 -19.05
CA GLU B 78 -1.64 -0.73 -19.62
C GLU B 78 -2.64 -1.75 -19.07
N ASN B 79 -3.83 -1.27 -18.72
CA ASN B 79 -4.90 -2.12 -18.23
C ASN B 79 -4.55 -3.08 -17.10
N SER B 80 -3.69 -2.65 -16.18
CA SER B 80 -3.29 -3.50 -15.06
C SER B 80 -2.76 -2.67 -13.89
N HIS B 81 -3.37 -1.50 -13.70
CA HIS B 81 -3.03 -0.54 -12.67
C HIS B 81 -2.87 -1.16 -11.28
N LEU B 82 -3.93 -1.78 -10.78
CA LEU B 82 -3.90 -2.37 -9.44
C LEU B 82 -2.87 -3.49 -9.30
N LEU B 83 -2.81 -4.36 -10.29
CA LEU B 83 -1.85 -5.46 -10.26
C LEU B 83 -0.45 -4.85 -10.20
N VAL B 84 -0.18 -3.89 -11.08
CA VAL B 84 1.12 -3.23 -11.11
C VAL B 84 1.46 -2.62 -9.76
N ASN B 85 0.53 -1.84 -9.20
CA ASN B 85 0.77 -1.24 -7.89
C ASN B 85 1.10 -2.29 -6.84
N SER B 86 0.42 -3.43 -6.88
CA SER B 86 0.64 -4.50 -5.91
C SER B 86 1.97 -5.22 -6.09
N PHE B 87 2.26 -5.60 -7.32
CA PHE B 87 3.49 -6.28 -7.61
C PHE B 87 4.67 -5.42 -7.23
N ALA B 88 4.64 -4.16 -7.67
CA ALA B 88 5.72 -3.21 -7.39
C ALA B 88 5.92 -3.18 -5.89
N ASP B 89 4.83 -3.34 -5.17
CA ASP B 89 4.87 -3.34 -3.73
C ASP B 89 5.68 -2.16 -3.18
N ASN B 90 5.27 -0.96 -3.56
CA ASN B 90 5.89 0.28 -3.10
C ASN B 90 7.42 0.35 -3.25
N THR B 91 7.87 0.45 -4.51
CA THR B 91 9.28 0.55 -4.87
C THR B 91 10.19 -0.62 -4.47
N ARG B 92 9.66 -1.58 -3.71
CA ARG B 92 10.43 -2.76 -3.29
C ARG B 92 10.95 -3.62 -4.45
N ARG B 93 10.04 -4.09 -5.28
CA ARG B 93 10.40 -4.92 -6.43
C ARG B 93 10.77 -4.11 -7.70
N PHE B 94 9.85 -3.23 -8.12
CA PHE B 94 10.04 -2.36 -9.28
C PHE B 94 9.53 -0.97 -8.92
N MET B 95 9.81 0.01 -9.77
CA MET B 95 9.35 1.36 -9.49
C MET B 95 8.50 1.96 -10.61
N PRO B 96 7.20 1.61 -10.63
CA PRO B 96 6.27 2.12 -11.65
C PRO B 96 6.08 3.60 -11.44
N LEU B 97 5.40 4.27 -12.37
CA LEU B 97 5.17 5.71 -12.24
C LEU B 97 4.45 6.09 -10.94
N SER B 98 3.61 5.20 -10.43
CA SER B 98 2.89 5.49 -9.20
C SER B 98 3.80 5.36 -7.99
N ASP B 99 5.01 4.84 -8.18
CA ASP B 99 5.95 4.71 -7.07
C ASP B 99 7.11 5.70 -7.18
N VAL B 100 6.87 6.78 -7.90
CA VAL B 100 7.84 7.84 -8.08
C VAL B 100 7.08 9.02 -7.48
N LEU B 101 7.78 9.90 -6.77
CA LEU B 101 7.11 11.02 -6.09
C LEU B 101 5.96 11.70 -6.81
N TYR B 102 6.20 12.25 -7.99
CA TYR B 102 5.15 12.97 -8.70
C TYR B 102 3.96 12.13 -9.17
N GLY B 103 4.14 10.81 -9.21
CA GLY B 103 3.04 9.95 -9.63
C GLY B 103 2.28 9.52 -8.40
N ARG B 104 3.02 9.25 -7.33
CA ARG B 104 2.48 8.82 -6.06
C ARG B 104 1.51 9.83 -5.45
N VAL B 105 1.75 11.11 -5.64
CA VAL B 105 0.85 12.10 -5.05
C VAL B 105 -0.49 12.22 -5.77
N ALA B 106 -0.58 11.73 -7.00
CA ALA B 106 -1.82 11.85 -7.75
C ALA B 106 -2.45 10.51 -8.14
N ASP B 107 -1.78 9.41 -7.83
CA ASP B 107 -2.28 8.08 -8.17
C ASP B 107 -3.73 7.91 -7.74
N PHE B 108 -4.59 7.56 -8.70
CA PHE B 108 -6.02 7.33 -8.45
C PHE B 108 -6.88 8.55 -8.12
N LEU B 109 -6.26 9.66 -7.71
CA LEU B 109 -7.03 10.84 -7.37
C LEU B 109 -7.61 11.53 -8.60
N SER B 110 -8.40 12.56 -8.37
CA SER B 110 -9.02 13.30 -9.46
C SER B 110 -9.12 14.77 -9.06
N TRP B 111 -9.17 15.67 -10.04
CA TRP B 111 -9.24 17.08 -9.70
C TRP B 111 -9.56 17.98 -10.89
N CYS B 112 -10.05 19.19 -10.59
CA CYS B 112 -10.39 20.18 -11.59
C CYS B 112 -11.08 21.37 -10.94
N ARG B 113 -10.91 22.55 -11.51
CA ARG B 113 -11.54 23.74 -10.98
C ARG B 113 -12.93 23.85 -11.62
N GLN B 114 -13.81 24.64 -11.01
CA GLN B 114 -15.15 24.80 -11.55
C GLN B 114 -15.11 25.59 -12.85
N LYS B 115 -15.97 25.20 -13.77
CA LYS B 115 -16.10 25.83 -15.09
C LYS B 115 -15.95 27.34 -14.97
N ALA B 116 -16.66 27.93 -14.01
CA ALA B 116 -16.61 29.37 -13.77
C ALA B 116 -16.71 29.68 -12.29
N ASP B 117 -15.59 29.53 -11.59
CA ASP B 117 -15.51 29.80 -10.16
C ASP B 117 -14.12 29.41 -9.69
N SER B 118 -13.67 29.99 -8.59
CA SER B 118 -12.35 29.71 -8.08
C SER B 118 -12.27 28.44 -7.23
N GLY B 119 -13.41 27.78 -7.04
CA GLY B 119 -13.41 26.57 -6.24
C GLY B 119 -13.27 25.30 -7.04
N LEU B 120 -12.75 24.25 -6.41
CA LEU B 120 -12.58 22.97 -7.06
C LEU B 120 -13.97 22.36 -7.25
N ASP B 121 -14.18 21.69 -8.38
CA ASP B 121 -15.46 21.08 -8.69
C ASP B 121 -15.53 19.66 -8.14
N TYR B 122 -16.22 19.48 -7.01
CA TYR B 122 -16.34 18.14 -6.42
C TYR B 122 -17.52 17.37 -7.01
N GLN B 123 -18.13 17.95 -8.04
CA GLN B 123 -19.29 17.35 -8.70
C GLN B 123 -18.86 16.45 -9.85
N SER B 124 -18.04 16.99 -10.74
CA SER B 124 -17.56 16.26 -11.89
C SER B 124 -16.44 16.99 -12.60
N CYS B 125 -15.60 16.25 -13.32
CA CYS B 125 -14.49 16.81 -14.06
C CYS B 125 -14.56 16.37 -15.51
N PRO B 126 -14.05 17.20 -16.43
CA PRO B 126 -14.08 16.85 -17.85
C PRO B 126 -13.28 15.61 -18.20
N THR B 127 -13.79 14.82 -19.15
CA THR B 127 -13.11 13.63 -19.59
C THR B 127 -12.43 14.03 -20.89
N SER B 128 -11.74 13.09 -21.51
CA SER B 128 -11.05 13.37 -22.76
C SER B 128 -12.00 13.93 -23.82
N GLU B 129 -13.22 13.40 -23.84
CA GLU B 129 -14.23 13.81 -24.81
C GLU B 129 -14.87 15.16 -24.48
N ASP B 130 -15.10 15.43 -23.20
CA ASP B 130 -15.69 16.71 -22.82
C ASP B 130 -14.75 17.79 -23.37
N CYS B 131 -13.46 17.52 -23.30
CA CYS B 131 -12.42 18.41 -23.81
C CYS B 131 -11.05 17.77 -23.58
N GLU B 132 -10.11 18.07 -24.49
CA GLU B 132 -8.78 17.50 -24.41
C GLU B 132 -7.90 18.02 -23.28
N ASN B 133 -7.64 19.32 -23.25
CA ASN B 133 -6.77 19.89 -22.24
C ASN B 133 -7.37 20.05 -20.84
N ASN B 134 -7.76 18.94 -20.23
CA ASN B 134 -8.31 18.97 -18.87
C ASN B 134 -7.17 18.67 -17.89
N PRO B 135 -7.30 19.13 -16.64
CA PRO B 135 -6.28 18.93 -15.61
C PRO B 135 -5.66 17.53 -15.45
N VAL B 136 -6.50 16.51 -15.29
CA VAL B 136 -5.99 15.16 -15.10
C VAL B 136 -5.23 14.53 -16.27
N ASP B 137 -5.78 14.62 -17.47
CA ASP B 137 -5.12 14.05 -18.64
C ASP B 137 -3.79 14.74 -18.95
N SER B 138 -3.75 16.06 -18.84
CA SER B 138 -2.51 16.78 -19.12
C SER B 138 -1.48 16.44 -18.05
N PHE B 139 -1.96 16.08 -16.85
CA PHE B 139 -1.06 15.71 -15.78
C PHE B 139 -0.31 14.44 -16.14
N TRP B 140 -1.06 13.36 -16.36
CA TRP B 140 -0.45 12.08 -16.69
C TRP B 140 0.34 12.13 -17.98
N LYS B 141 0.01 13.05 -18.87
CA LYS B 141 0.79 13.19 -20.09
C LYS B 141 2.19 13.69 -19.70
N ARG B 142 2.24 14.77 -18.90
CA ARG B 142 3.52 15.35 -18.45
C ARG B 142 4.32 14.40 -17.59
N ALA B 143 3.64 13.67 -16.71
CA ALA B 143 4.30 12.74 -15.82
C ALA B 143 4.87 11.54 -16.59
N SER B 144 4.07 11.00 -17.51
CA SER B 144 4.47 9.86 -18.32
C SER B 144 5.70 10.19 -19.13
N ILE B 145 5.73 11.41 -19.67
CA ILE B 145 6.86 11.84 -20.47
C ILE B 145 8.14 11.86 -19.63
N GLN B 146 8.04 12.38 -18.41
CA GLN B 146 9.21 12.45 -17.54
C GLN B 146 9.66 11.05 -17.13
N TYR B 147 8.71 10.23 -16.73
CA TYR B 147 9.01 8.87 -16.29
C TYR B 147 9.77 8.15 -17.42
N SER B 148 9.31 8.34 -18.64
CA SER B 148 9.95 7.69 -19.77
C SER B 148 11.34 8.28 -19.99
N LYS B 149 11.41 9.60 -20.05
CA LYS B 149 12.69 10.26 -20.25
C LYS B 149 13.72 9.83 -19.22
N ASP B 150 13.30 9.64 -17.97
CA ASP B 150 14.22 9.24 -16.92
C ASP B 150 14.40 7.74 -16.69
N SER B 151 13.96 6.91 -17.61
CA SER B 151 14.14 5.46 -17.42
C SER B 151 15.39 4.97 -18.16
N SER B 152 16.01 3.92 -17.61
CA SER B 152 17.23 3.36 -18.22
C SER B 152 17.36 1.89 -17.89
N GLY B 153 18.28 1.21 -18.58
CA GLY B 153 18.48 -0.19 -18.33
C GLY B 153 17.40 -1.05 -18.98
N VAL B 154 17.04 -2.15 -18.32
CA VAL B 154 16.03 -3.03 -18.85
C VAL B 154 14.66 -2.46 -18.55
N ILE B 155 13.95 -2.09 -19.61
CA ILE B 155 12.60 -1.51 -19.52
C ILE B 155 11.60 -2.65 -19.44
N HIS B 156 10.69 -2.62 -18.45
CA HIS B 156 9.68 -3.66 -18.36
C HIS B 156 8.31 -3.05 -18.64
N VAL B 157 7.39 -3.88 -19.12
CA VAL B 157 6.05 -3.44 -19.47
C VAL B 157 5.05 -4.53 -19.14
N MET B 158 3.99 -4.20 -18.43
CA MET B 158 2.98 -5.20 -18.10
C MET B 158 1.69 -4.90 -18.86
N LEU B 159 1.26 -5.87 -19.66
CA LEU B 159 0.06 -5.70 -20.43
C LEU B 159 -0.97 -6.74 -20.06
N ASN B 160 -2.23 -6.43 -20.31
CA ASN B 160 -3.33 -7.31 -20.00
C ASN B 160 -3.76 -8.02 -21.29
N GLY B 161 -3.48 -9.31 -21.35
CA GLY B 161 -3.84 -10.10 -22.52
C GLY B 161 -5.27 -10.59 -22.48
N SER B 162 -6.01 -10.21 -21.44
CA SER B 162 -7.40 -10.59 -21.31
C SER B 162 -8.27 -9.40 -21.66
N GLU B 163 -7.61 -8.34 -22.12
CA GLU B 163 -8.27 -7.11 -22.52
C GLU B 163 -8.96 -7.44 -23.85
N PRO B 164 -10.29 -7.33 -23.90
CA PRO B 164 -11.08 -7.62 -25.09
C PRO B 164 -10.52 -7.03 -26.37
N THR B 165 -10.18 -5.74 -26.30
CA THR B 165 -9.65 -5.02 -27.46
C THR B 165 -8.18 -5.26 -27.77
N GLY B 166 -7.55 -6.20 -27.07
CA GLY B 166 -6.14 -6.47 -27.31
C GLY B 166 -5.20 -5.97 -26.22
N ALA B 167 -4.01 -6.56 -26.17
CA ALA B 167 -3.01 -6.22 -25.16
C ALA B 167 -2.41 -4.83 -25.29
N TYR B 168 -2.08 -4.44 -26.51
CA TYR B 168 -1.45 -3.14 -26.79
C TYR B 168 -2.38 -2.11 -27.45
N PRO B 169 -2.82 -1.11 -26.67
CA PRO B 169 -3.69 -0.04 -27.15
C PRO B 169 -2.84 0.84 -28.05
N ILE B 170 -3.11 0.87 -29.35
CA ILE B 170 -2.28 1.69 -30.21
C ILE B 170 -2.49 3.17 -30.00
N LYS B 171 -3.46 3.52 -29.15
CA LYS B 171 -3.73 4.93 -28.84
C LYS B 171 -3.71 5.26 -27.35
N GLY B 172 -3.03 4.44 -26.56
CA GLY B 172 -2.93 4.67 -25.13
C GLY B 172 -1.72 5.53 -24.75
N PHE B 173 -1.58 5.79 -23.45
CA PHE B 173 -0.46 6.60 -22.95
C PHE B 173 0.93 6.01 -23.21
N PHE B 174 1.03 4.70 -23.16
CA PHE B 174 2.30 4.04 -23.39
C PHE B 174 2.75 4.24 -24.84
N ALA B 175 1.82 4.10 -25.76
CA ALA B 175 2.12 4.24 -27.17
C ALA B 175 2.31 5.68 -27.59
N ASP B 176 1.48 6.56 -27.03
CA ASP B 176 1.55 7.95 -27.42
C ASP B 176 2.49 8.86 -26.64
N TYR B 177 2.76 8.55 -25.38
CA TYR B 177 3.61 9.42 -24.60
C TYR B 177 4.84 8.80 -23.97
N GLU B 178 4.90 7.48 -23.93
CA GLU B 178 6.04 6.84 -23.31
C GLU B 178 7.01 6.25 -24.32
N ILE B 179 6.53 5.39 -25.22
CA ILE B 179 7.40 4.81 -26.23
C ILE B 179 8.21 5.87 -27.00
N PRO B 180 7.57 7.00 -27.33
CA PRO B 180 8.26 8.07 -28.06
C PRO B 180 9.34 8.77 -27.22
N ASN B 181 9.22 8.70 -25.90
CA ASN B 181 10.18 9.37 -25.05
C ASN B 181 11.24 8.49 -24.40
N LEU B 182 11.28 7.22 -24.77
CA LEU B 182 12.30 6.33 -24.23
C LEU B 182 13.60 6.78 -24.87
N GLN B 183 14.69 6.73 -24.12
CA GLN B 183 16.01 7.13 -24.64
C GLN B 183 16.78 5.85 -24.96
N LYS B 184 16.84 5.51 -26.24
CA LYS B 184 17.52 4.33 -26.72
C LYS B 184 18.98 4.21 -26.23
N GLU B 185 19.71 5.33 -26.23
CA GLU B 185 21.11 5.29 -25.79
C GLU B 185 21.34 4.82 -24.36
N LYS B 186 20.34 4.96 -23.49
CA LYS B 186 20.53 4.52 -22.12
C LYS B 186 19.65 3.35 -21.75
N ILE B 187 19.10 2.69 -22.77
CA ILE B 187 18.24 1.51 -22.56
C ILE B 187 18.91 0.27 -23.16
N THR B 188 18.92 -0.82 -22.42
CA THR B 188 19.52 -2.04 -22.92
C THR B 188 18.53 -2.87 -23.73
N ARG B 189 17.34 -3.10 -23.18
CA ARG B 189 16.34 -3.88 -23.89
C ARG B 189 14.96 -3.69 -23.28
N ILE B 190 13.93 -4.04 -24.04
CA ILE B 190 12.57 -3.92 -23.57
C ILE B 190 11.99 -5.32 -23.43
N GLU B 191 11.41 -5.60 -22.26
CA GLU B 191 10.83 -6.90 -21.98
C GLU B 191 9.36 -6.71 -21.58
N ILE B 192 8.47 -7.40 -22.29
CA ILE B 192 7.04 -7.27 -22.02
C ILE B 192 6.52 -8.48 -21.28
N TRP B 193 5.54 -8.27 -20.41
CA TRP B 193 4.90 -9.37 -19.69
C TRP B 193 3.41 -9.32 -20.04
N VAL B 194 2.96 -10.26 -20.85
CA VAL B 194 1.55 -10.30 -21.22
C VAL B 194 0.84 -11.18 -20.19
N MET B 195 0.10 -10.56 -19.28
CA MET B 195 -0.59 -11.29 -18.23
C MET B 195 -2.05 -11.60 -18.56
N HIS B 196 -2.46 -12.83 -18.27
CA HIS B 196 -3.85 -13.23 -18.50
C HIS B 196 -4.50 -13.52 -17.15
N GLU B 197 -5.80 -13.24 -17.05
CA GLU B 197 -6.54 -13.49 -15.83
C GLU B 197 -6.49 -14.98 -15.52
N ILE B 198 -6.48 -15.35 -14.26
CA ILE B 198 -6.47 -16.77 -13.93
C ILE B 198 -7.75 -17.36 -14.53
N GLY B 199 -7.61 -18.41 -15.33
CA GLY B 199 -8.77 -18.99 -15.98
C GLY B 199 -9.30 -18.06 -17.05
N GLY B 200 -9.28 -16.75 -16.75
CA GLY B 200 -9.75 -15.72 -17.67
C GLY B 200 -9.30 -15.97 -19.10
N PRO B 201 -9.87 -15.24 -20.07
CA PRO B 201 -9.58 -15.35 -21.50
C PRO B 201 -8.18 -15.00 -21.98
N ASN B 202 -7.71 -15.76 -22.96
CA ASN B 202 -6.42 -15.49 -23.57
C ASN B 202 -6.67 -14.76 -24.88
N VAL B 203 -7.18 -13.54 -24.79
CA VAL B 203 -7.46 -12.76 -25.98
C VAL B 203 -6.23 -12.61 -26.85
N GLU B 204 -5.08 -12.35 -26.23
CA GLU B 204 -3.82 -12.22 -26.98
C GLU B 204 -2.63 -12.64 -26.13
N SER B 205 -1.65 -13.26 -26.78
CA SER B 205 -0.44 -13.69 -26.11
C SER B 205 0.70 -13.11 -26.92
N CYS B 206 1.92 -13.28 -26.45
CA CYS B 206 3.06 -12.75 -27.18
C CYS B 206 2.95 -13.16 -28.64
N GLY B 207 3.21 -12.21 -29.54
CA GLY B 207 3.16 -12.50 -30.97
C GLY B 207 1.80 -12.59 -31.61
N GLU B 208 0.74 -12.16 -30.92
CA GLU B 208 -0.60 -12.22 -31.48
C GLU B 208 -1.29 -10.86 -31.42
N GLY B 209 -2.09 -10.57 -32.44
CA GLY B 209 -2.81 -9.32 -32.49
C GLY B 209 -1.95 -8.09 -32.33
N SER B 210 -2.42 -7.14 -31.53
CA SER B 210 -1.70 -5.90 -31.27
C SER B 210 -0.25 -6.15 -30.85
N MET B 211 0.02 -7.30 -30.23
CA MET B 211 1.38 -7.59 -29.81
C MET B 211 2.34 -7.60 -30.99
N LYS B 212 1.81 -7.88 -32.19
CA LYS B 212 2.65 -7.92 -33.38
C LYS B 212 3.01 -6.48 -33.73
N VAL B 213 2.05 -5.58 -33.53
CA VAL B 213 2.23 -4.16 -33.81
C VAL B 213 3.28 -3.58 -32.85
N LEU B 214 3.12 -3.85 -31.56
CA LEU B 214 4.05 -3.35 -30.55
C LEU B 214 5.47 -3.83 -30.86
N GLU B 215 5.61 -5.14 -31.07
CA GLU B 215 6.92 -5.71 -31.36
C GLU B 215 7.57 -5.05 -32.58
N LYS B 216 6.80 -4.95 -33.66
CA LYS B 216 7.31 -4.35 -34.88
C LYS B 216 7.71 -2.90 -34.63
N ARG B 217 6.87 -2.13 -33.94
CA ARG B 217 7.25 -0.74 -33.67
C ARG B 217 8.56 -0.63 -32.89
N LEU B 218 8.66 -1.36 -31.79
CA LEU B 218 9.87 -1.30 -30.98
C LEU B 218 11.07 -1.72 -31.82
N LYS B 219 10.92 -2.81 -32.59
CA LYS B 219 12.05 -3.24 -33.41
C LYS B 219 12.43 -2.23 -34.48
N ASP B 220 11.45 -1.59 -35.13
CA ASP B 220 11.78 -0.59 -36.15
C ASP B 220 12.54 0.57 -35.51
N MET B 221 12.26 0.82 -34.23
CA MET B 221 12.94 1.89 -33.49
C MET B 221 14.38 1.52 -33.14
N GLY B 222 14.70 0.23 -33.22
CA GLY B 222 16.05 -0.23 -32.92
C GLY B 222 16.27 -0.88 -31.56
N PHE B 223 15.19 -1.18 -30.85
CA PHE B 223 15.30 -1.81 -29.52
C PHE B 223 15.41 -3.31 -29.55
N GLN B 224 16.10 -3.88 -28.57
CA GLN B 224 16.17 -5.33 -28.46
C GLN B 224 14.83 -5.61 -27.78
N TYR B 225 14.16 -6.68 -28.18
CA TYR B 225 12.82 -6.95 -27.65
C TYR B 225 12.63 -8.40 -27.24
N SER B 226 11.85 -8.61 -26.18
CA SER B 226 11.54 -9.96 -25.74
C SER B 226 10.17 -9.87 -25.07
N CYS B 227 9.41 -10.97 -25.10
CA CYS B 227 8.08 -10.97 -24.54
C CYS B 227 7.85 -12.26 -23.77
N ILE B 228 7.18 -12.17 -22.62
CA ILE B 228 6.90 -13.34 -21.78
C ILE B 228 5.42 -13.40 -21.45
N ASN B 229 4.84 -14.58 -21.53
CA ASN B 229 3.43 -14.74 -21.20
C ASN B 229 3.28 -15.14 -19.75
N ASP B 230 2.51 -14.36 -19.00
CA ASP B 230 2.27 -14.67 -17.61
C ASP B 230 3.54 -14.82 -16.76
N TYR B 231 4.39 -13.81 -16.81
CA TYR B 231 5.64 -13.75 -16.05
C TYR B 231 5.36 -14.29 -14.65
N ARG B 232 6.03 -15.39 -14.32
CA ARG B 232 5.84 -16.10 -13.06
C ARG B 232 5.64 -15.30 -11.78
N PRO B 233 6.57 -14.41 -11.43
CA PRO B 233 6.38 -13.65 -10.19
C PRO B 233 5.00 -13.00 -10.12
N VAL B 234 4.57 -12.40 -11.22
CA VAL B 234 3.27 -11.72 -11.24
C VAL B 234 2.13 -12.72 -11.26
N LYS B 235 2.36 -13.86 -11.90
CA LYS B 235 1.35 -14.91 -11.97
C LYS B 235 1.06 -15.36 -10.53
N LEU B 236 2.13 -15.63 -9.78
CA LEU B 236 2.00 -16.05 -8.39
C LEU B 236 1.19 -15.04 -7.61
N LEU B 237 1.41 -13.75 -7.86
CA LEU B 237 0.66 -12.71 -7.17
C LEU B 237 -0.82 -12.80 -7.56
N GLN B 238 -1.09 -13.10 -8.82
CA GLN B 238 -2.47 -13.23 -9.26
C GLN B 238 -3.08 -14.40 -8.53
N CYS B 239 -2.30 -15.46 -8.40
CA CYS B 239 -2.74 -16.68 -7.76
C CYS B 239 -3.13 -16.53 -6.30
N VAL B 240 -2.58 -15.53 -5.62
CA VAL B 240 -2.93 -15.33 -4.22
C VAL B 240 -4.45 -15.36 -4.00
N ASP B 241 -5.20 -14.92 -5.01
CA ASP B 241 -6.67 -14.88 -4.90
C ASP B 241 -7.41 -16.00 -5.60
N HIS B 242 -6.69 -17.04 -5.98
CA HIS B 242 -7.27 -18.19 -6.67
C HIS B 242 -6.37 -19.36 -6.33
N SER B 243 -6.05 -19.50 -5.05
CA SER B 243 -5.17 -20.55 -4.55
C SER B 243 -5.56 -21.97 -4.96
N THR B 244 -6.86 -22.22 -5.08
CA THR B 244 -7.40 -23.52 -5.45
C THR B 244 -7.49 -23.77 -6.95
N HIS B 245 -7.49 -22.71 -7.75
CA HIS B 245 -7.58 -22.87 -9.19
C HIS B 245 -6.38 -23.68 -9.68
N PRO B 246 -6.60 -24.61 -10.64
CA PRO B 246 -5.52 -25.44 -11.17
C PRO B 246 -4.29 -24.71 -11.72
N ASP B 247 -4.47 -23.51 -12.26
CA ASP B 247 -3.31 -22.76 -12.77
C ASP B 247 -2.45 -22.28 -11.61
N CYS B 248 -2.97 -22.44 -10.40
CA CYS B 248 -2.29 -21.99 -9.20
C CYS B 248 -1.81 -23.11 -8.27
N ALA B 249 -1.98 -24.37 -8.68
CA ALA B 249 -1.55 -25.49 -7.86
C ALA B 249 -0.03 -25.61 -7.84
N LEU B 250 0.52 -25.97 -6.68
CA LEU B 250 1.96 -26.13 -6.51
C LEU B 250 2.37 -27.60 -6.51
N LYS B 251 3.67 -27.85 -6.50
CA LYS B 251 4.19 -29.21 -6.48
C LYS B 251 4.25 -29.82 -5.07
#